data_7R7R
#
_entry.id   7R7R
#
_cell.length_a   51.496
_cell.length_b   57.408
_cell.length_c   104.9
_cell.angle_alpha   90
_cell.angle_beta   90
_cell.angle_gamma   90
#
_symmetry.space_group_name_H-M   'P 21 21 21'
#
loop_
_entity.id
_entity.type
_entity.pdbx_description
1 polymer 'ALK tyrosine kinase receptor'
2 non-polymer (2R)-2-[5-(6-amino-5-{(1R)-1-[2-(1,3-dihydro-2H-1,2,3-triazol-2-yl)-5-fluorophenyl]ethoxy}pyridin-3-yl)-4-methyl-1,3-thiazol-2-yl]propane-1,2-diol
3 water water
#
_entity_poly.entity_id   1
_entity_poly.type   'polypeptide(L)'
_entity_poly.pdbx_seq_one_letter_code
;MAHHHHHHNPNYCFAGKTSSISDLKEVPRKNITLIRGLGHGAFGEVYEGQVSGMPNDPSPLQVAVKTLPEVCSEQDELDF
LMEALIISKFNHQNIVRCIGVSLQSLPRFILLELMAGGDLKSFLRETRPRPSQPSSLAMLDLLHVARDIACGCQYLEENH
FIHRDIAARNCLLTCPGPGRVAKIGDFGMARDIYRASYYRKGGCAMLPVKWMPPEAFMEGIFTSKTDTWSFGVLLWEIFS
LGYMPYPSKSNQEVLEFVTSGGRMDPPKNCPGPVYRIMTQCWQHQPEDRPNFAIILERIEYCTQDPDVINTALPIEYGPL
VEEEEKV
;
_entity_poly.pdbx_strand_id   A
#
# COMPACT_ATOMS: atom_id res chain seq x y z
N ASN A 9 -14.81 -19.90 -16.18
CA ASN A 9 -13.96 -18.74 -15.88
C ASN A 9 -14.53 -17.89 -14.72
N PRO A 10 -13.66 -17.41 -13.80
CA PRO A 10 -14.16 -16.65 -12.63
C PRO A 10 -14.63 -15.21 -12.90
N ASN A 11 -15.64 -14.75 -12.13
CA ASN A 11 -16.23 -13.41 -12.26
C ASN A 11 -15.79 -12.46 -11.13
N TYR A 12 -15.94 -11.14 -11.35
CA TYR A 12 -15.56 -10.15 -10.35
C TYR A 12 -16.49 -8.94 -10.39
N CYS A 13 -16.94 -8.42 -9.22
CA CYS A 13 -17.86 -7.26 -9.20
C CYS A 13 -17.24 -6.00 -8.54
N PHE A 14 -17.35 -4.82 -9.17
CA PHE A 14 -16.84 -3.55 -8.62
C PHE A 14 -17.61 -2.35 -9.19
N ALA A 15 -17.91 -1.33 -8.34
CA ALA A 15 -18.59 -0.08 -8.70
C ALA A 15 -19.86 -0.22 -9.58
N GLY A 16 -20.63 -1.28 -9.35
CA GLY A 16 -21.84 -1.50 -10.11
C GLY A 16 -21.71 -2.37 -11.35
N LYS A 17 -20.46 -2.77 -11.70
CA LYS A 17 -20.25 -3.57 -12.89
C LYS A 17 -19.59 -4.92 -12.63
N THR A 18 -20.05 -5.96 -13.32
CA THR A 18 -19.47 -7.29 -13.24
C THR A 18 -18.51 -7.45 -14.41
N SER A 19 -17.34 -8.03 -14.16
CA SER A 19 -16.37 -8.25 -15.20
C SER A 19 -15.81 -9.67 -15.17
N SER A 20 -15.23 -10.06 -16.29
CA SER A 20 -14.71 -11.38 -16.50
C SER A 20 -13.32 -11.27 -17.15
N ILE A 21 -12.58 -12.39 -17.26
CA ILE A 21 -11.27 -12.43 -17.92
C ILE A 21 -11.34 -11.94 -19.38
N SER A 22 -12.54 -12.00 -20.02
CA SER A 22 -12.71 -11.47 -21.39
C SER A 22 -12.60 -9.94 -21.45
N ASP A 23 -12.81 -9.26 -20.32
CA ASP A 23 -12.70 -7.80 -20.28
C ASP A 23 -11.25 -7.31 -20.12
N LEU A 24 -10.33 -8.20 -19.68
CA LEU A 24 -8.93 -7.83 -19.51
C LEU A 24 -8.31 -7.56 -20.86
N LYS A 25 -7.46 -6.53 -20.96
CA LYS A 25 -6.84 -6.17 -22.22
C LYS A 25 -5.62 -7.07 -22.52
N GLU A 26 -5.78 -8.02 -23.46
CA GLU A 26 -4.70 -8.93 -23.84
C GLU A 26 -3.67 -8.24 -24.70
N VAL A 27 -2.43 -8.21 -24.25
CA VAL A 27 -1.34 -7.59 -24.98
C VAL A 27 -0.60 -8.71 -25.71
N PRO A 28 -0.37 -8.54 -27.03
CA PRO A 28 0.37 -9.59 -27.78
C PRO A 28 1.72 -9.88 -27.15
N ARG A 29 2.02 -11.17 -26.92
CA ARG A 29 3.25 -11.61 -26.27
C ARG A 29 4.51 -11.09 -27.00
N LYS A 30 4.46 -11.03 -28.36
CA LYS A 30 5.58 -10.52 -29.16
C LYS A 30 5.89 -9.05 -28.92
N ASN A 31 4.93 -8.28 -28.41
CA ASN A 31 5.14 -6.87 -28.12
C ASN A 31 5.80 -6.63 -26.73
N ILE A 32 5.95 -7.68 -25.92
CA ILE A 32 6.48 -7.58 -24.56
C ILE A 32 7.93 -8.04 -24.45
N THR A 33 8.79 -7.17 -23.92
CA THR A 33 10.20 -7.52 -23.74
C THR A 33 10.59 -7.35 -22.28
N LEU A 34 11.24 -8.37 -21.67
CA LEU A 34 11.71 -8.25 -20.29
C LEU A 34 13.09 -7.60 -20.27
N ILE A 35 13.34 -6.70 -19.32
CA ILE A 35 14.60 -5.98 -19.20
C ILE A 35 15.45 -6.47 -18.02
N ARG A 36 14.87 -6.55 -16.82
CA ARG A 36 15.62 -6.95 -15.63
C ARG A 36 14.67 -7.39 -14.52
N GLY A 37 15.19 -8.14 -13.56
CA GLY A 37 14.39 -8.57 -12.41
C GLY A 37 14.22 -7.42 -11.43
N LEU A 38 13.11 -7.38 -10.72
CA LEU A 38 12.87 -6.35 -9.70
C LEU A 38 12.80 -7.01 -8.32
N GLY A 39 12.16 -8.15 -8.24
CA GLY A 39 12.02 -8.91 -7.00
C GLY A 39 10.89 -9.91 -7.07
N HIS A 40 10.64 -10.63 -5.97
CA HIS A 40 9.55 -11.61 -5.94
C HIS A 40 8.33 -11.02 -5.22
N GLY A 44 5.52 -14.95 -7.15
CA GLY A 44 6.23 -15.10 -8.42
C GLY A 44 7.20 -13.97 -8.69
N GLU A 45 7.97 -14.07 -9.78
CA GLU A 45 8.95 -13.01 -10.10
C GLU A 45 8.31 -11.80 -10.77
N VAL A 46 8.90 -10.63 -10.54
CA VAL A 46 8.44 -9.38 -11.11
C VAL A 46 9.59 -8.82 -11.93
N TYR A 47 9.33 -8.42 -13.17
CA TYR A 47 10.36 -7.86 -14.03
C TYR A 47 10.04 -6.46 -14.46
N GLU A 48 11.06 -5.69 -14.80
CA GLU A 48 10.88 -4.42 -15.46
C GLU A 48 10.81 -4.84 -16.94
N GLY A 49 9.87 -4.29 -17.68
CA GLY A 49 9.68 -4.63 -19.07
C GLY A 49 9.27 -3.46 -19.92
N GLN A 50 9.02 -3.74 -21.19
CA GLN A 50 8.60 -2.76 -22.19
C GLN A 50 7.56 -3.34 -23.11
N VAL A 51 6.60 -2.52 -23.50
CA VAL A 51 5.56 -2.96 -24.43
C VAL A 51 5.67 -2.10 -25.70
N PRO A 60 8.07 3.44 -26.41
CA PRO A 60 7.49 2.22 -25.83
C PRO A 60 7.04 2.41 -24.39
N LEU A 61 6.03 1.65 -23.96
CA LEU A 61 5.52 1.74 -22.60
C LEU A 61 6.42 1.02 -21.61
N GLN A 62 6.83 1.69 -20.52
CA GLN A 62 7.65 1.03 -19.51
C GLN A 62 6.71 0.34 -18.52
N VAL A 63 6.89 -0.96 -18.30
CA VAL A 63 6.00 -1.72 -17.43
C VAL A 63 6.71 -2.54 -16.35
N ALA A 64 5.96 -2.93 -15.31
CA ALA A 64 6.37 -3.89 -14.32
C ALA A 64 5.56 -5.13 -14.70
N VAL A 65 6.23 -6.26 -14.87
CA VAL A 65 5.62 -7.50 -15.28
C VAL A 65 5.54 -8.48 -14.15
N LYS A 66 4.33 -8.73 -13.69
CA LYS A 66 4.08 -9.70 -12.64
C LYS A 66 3.87 -11.05 -13.36
N THR A 67 4.62 -12.08 -12.99
CA THR A 67 4.50 -13.38 -13.66
C THR A 67 3.86 -14.45 -12.80
N LEU A 68 3.19 -15.38 -13.45
CA LEU A 68 2.59 -16.50 -12.77
C LEU A 68 3.53 -17.69 -13.03
N PRO A 69 4.10 -18.35 -12.00
CA PRO A 69 4.98 -19.51 -12.27
C PRO A 69 4.26 -20.58 -13.10
N GLU A 70 4.93 -21.13 -14.13
CA GLU A 70 4.28 -22.16 -14.94
C GLU A 70 3.97 -23.41 -14.12
N VAL A 71 4.73 -23.67 -13.05
CA VAL A 71 4.45 -24.78 -12.14
C VAL A 71 3.68 -24.20 -10.97
N CYS A 72 2.34 -24.24 -11.04
CA CYS A 72 1.52 -23.67 -9.97
C CYS A 72 0.23 -24.46 -9.79
N SER A 73 -0.41 -24.29 -8.64
CA SER A 73 -1.68 -24.97 -8.39
C SER A 73 -2.83 -24.21 -9.09
N GLU A 74 -4.01 -24.85 -9.19
CA GLU A 74 -5.19 -24.22 -9.77
C GLU A 74 -5.65 -23.02 -8.95
N GLN A 75 -5.41 -23.03 -7.63
CA GLN A 75 -5.76 -21.89 -6.78
C GLN A 75 -4.83 -20.71 -7.03
N ASP A 76 -3.54 -20.97 -7.32
CA ASP A 76 -2.59 -19.91 -7.65
C ASP A 76 -3.03 -19.20 -8.95
N GLU A 77 -3.47 -19.99 -9.95
CA GLU A 77 -3.95 -19.46 -11.22
C GLU A 77 -5.18 -18.58 -11.02
N LEU A 78 -6.14 -19.03 -10.19
CA LEU A 78 -7.35 -18.25 -9.95
C LEU A 78 -7.02 -16.96 -9.21
N ASP A 79 -6.10 -17.01 -8.24
CA ASP A 79 -5.68 -15.82 -7.50
C ASP A 79 -5.04 -14.81 -8.44
N PHE A 80 -4.18 -15.27 -9.36
CA PHE A 80 -3.50 -14.42 -10.34
C PHE A 80 -4.54 -13.75 -11.25
N LEU A 81 -5.52 -14.52 -11.75
CA LEU A 81 -6.55 -13.96 -12.61
C LEU A 81 -7.40 -12.95 -11.84
N MET A 82 -7.70 -13.22 -10.56
CA MET A 82 -8.50 -12.31 -9.75
C MET A 82 -7.76 -11.00 -9.53
N GLU A 83 -6.42 -11.03 -9.23
CA GLU A 83 -5.72 -9.76 -9.02
C GLU A 83 -5.69 -8.94 -10.31
N ALA A 84 -5.63 -9.58 -11.48
CA ALA A 84 -5.67 -8.86 -12.76
C ALA A 84 -7.02 -8.15 -12.89
N LEU A 85 -8.13 -8.84 -12.56
CA LEU A 85 -9.47 -8.23 -12.66
C LEU A 85 -9.62 -7.07 -11.65
N ILE A 86 -9.11 -7.27 -10.43
CA ILE A 86 -9.20 -6.24 -9.38
C ILE A 86 -8.50 -4.93 -9.78
N ILE A 87 -7.22 -5.01 -10.14
CA ILE A 87 -6.47 -3.80 -10.52
C ILE A 87 -7.00 -3.17 -11.81
N SER A 88 -7.38 -3.99 -12.82
CA SER A 88 -7.89 -3.42 -14.08
C SER A 88 -9.19 -2.62 -13.90
N LYS A 89 -9.98 -2.96 -12.87
CA LYS A 89 -11.27 -2.28 -12.64
C LYS A 89 -11.15 -0.99 -11.82
N PHE A 90 -9.99 -0.71 -11.22
CA PHE A 90 -9.81 0.57 -10.51
C PHE A 90 -9.46 1.67 -11.52
N ASN A 91 -9.86 2.91 -11.20
CA ASN A 91 -9.57 4.12 -11.96
C ASN A 91 -9.38 5.28 -10.98
N HIS A 92 -8.14 5.48 -10.53
CA HIS A 92 -7.82 6.55 -9.59
C HIS A 92 -6.32 6.88 -9.70
N GLN A 93 -5.96 8.15 -9.53
CA GLN A 93 -4.57 8.66 -9.64
C GLN A 93 -3.63 8.04 -8.57
N ASN A 94 -4.17 7.51 -7.47
CA ASN A 94 -3.34 6.91 -6.43
C ASN A 94 -3.46 5.40 -6.33
N ILE A 95 -3.80 4.76 -7.44
CA ILE A 95 -3.84 3.31 -7.52
C ILE A 95 -3.13 2.95 -8.81
N VAL A 96 -2.11 2.07 -8.71
CA VAL A 96 -1.29 1.62 -9.85
C VAL A 96 -2.17 1.19 -11.06
N ARG A 97 -1.81 1.68 -12.25
CA ARG A 97 -2.55 1.33 -13.46
C ARG A 97 -2.14 -0.05 -13.94
N CYS A 98 -3.08 -0.76 -14.56
CA CYS A 98 -2.83 -2.03 -15.23
C CYS A 98 -2.88 -1.72 -16.72
N ILE A 99 -1.75 -1.86 -17.39
CA ILE A 99 -1.67 -1.64 -18.84
C ILE A 99 -2.39 -2.78 -19.62
N GLY A 100 -2.34 -3.98 -19.06
CA GLY A 100 -2.97 -5.15 -19.64
C GLY A 100 -2.46 -6.42 -19.02
N VAL A 101 -2.64 -7.53 -19.73
CA VAL A 101 -2.21 -8.88 -19.30
C VAL A 101 -1.73 -9.64 -20.57
N SER A 102 -1.06 -10.74 -20.37
CA SER A 102 -0.68 -11.66 -21.43
C SER A 102 -1.00 -13.03 -20.84
N LEU A 103 -2.25 -13.43 -20.94
CA LEU A 103 -2.71 -14.69 -20.39
C LEU A 103 -2.72 -15.82 -21.39
N GLN A 104 -2.61 -15.52 -22.69
CA GLN A 104 -2.65 -16.56 -23.73
C GLN A 104 -1.28 -17.17 -24.07
N SER A 105 -0.30 -16.95 -23.22
CA SER A 105 1.06 -17.48 -23.37
C SER A 105 1.58 -17.80 -21.97
N LEU A 106 2.53 -18.73 -21.88
CA LEU A 106 3.11 -19.14 -20.61
C LEU A 106 4.58 -18.69 -20.55
N PRO A 107 5.01 -18.11 -19.41
CA PRO A 107 4.24 -17.85 -18.19
C PRO A 107 3.29 -16.67 -18.36
N ARG A 108 2.15 -16.71 -17.69
CA ARG A 108 1.16 -15.64 -17.79
C ARG A 108 1.70 -14.38 -17.14
N PHE A 109 1.31 -13.22 -17.69
CA PHE A 109 1.78 -11.93 -17.21
C PHE A 109 0.64 -10.99 -16.82
N ILE A 110 0.89 -10.13 -15.84
CA ILE A 110 0.04 -8.99 -15.51
C ILE A 110 0.97 -7.80 -15.72
N LEU A 111 0.56 -6.86 -16.57
CA LEU A 111 1.39 -5.72 -16.90
C LEU A 111 0.94 -4.48 -16.13
N LEU A 112 1.81 -3.96 -15.27
CA LEU A 112 1.46 -2.75 -14.51
C LEU A 112 2.28 -1.57 -14.92
N GLU A 113 1.78 -0.36 -14.60
CA GLU A 113 2.48 0.91 -14.67
C GLU A 113 3.84 0.78 -13.89
N LEU A 114 4.97 1.10 -14.54
CA LEU A 114 6.28 0.99 -13.88
C LEU A 114 6.46 2.21 -12.99
N MET A 115 6.53 2.00 -11.68
CA MET A 115 6.68 3.08 -10.72
C MET A 115 8.18 3.18 -10.42
N ALA A 116 8.89 4.07 -11.13
CA ALA A 116 10.36 4.23 -11.06
C ALA A 116 10.93 4.51 -9.67
N GLY A 117 10.13 5.11 -8.78
CA GLY A 117 10.56 5.35 -7.41
C GLY A 117 10.62 4.09 -6.55
N GLY A 118 10.07 2.98 -7.05
CA GLY A 118 10.07 1.73 -6.32
C GLY A 118 9.07 1.72 -5.18
N ASP A 119 9.22 0.75 -4.27
CA ASP A 119 8.30 0.61 -3.14
C ASP A 119 8.58 1.64 -2.04
N LEU A 120 7.54 2.03 -1.34
CA LEU A 120 7.64 3.07 -0.32
C LEU A 120 8.54 2.66 0.87
N LYS A 121 8.45 1.40 1.32
CA LYS A 121 9.32 0.97 2.44
C LYS A 121 10.82 1.11 2.08
N SER A 122 11.23 0.63 0.89
CA SER A 122 12.61 0.75 0.43
C SER A 122 13.01 2.18 0.20
N PHE A 123 12.11 3.00 -0.38
CA PHE A 123 12.37 4.42 -0.61
C PHE A 123 12.67 5.14 0.70
N LEU A 124 11.85 4.90 1.74
CA LEU A 124 12.06 5.58 3.03
C LEU A 124 13.41 5.17 3.63
N ARG A 125 13.73 3.89 3.56
CA ARG A 125 14.99 3.38 4.11
C ARG A 125 16.20 3.94 3.38
N GLU A 126 16.14 4.02 2.04
CA GLU A 126 17.24 4.52 1.22
C GLU A 126 17.34 6.04 1.14
N THR A 127 16.24 6.77 1.40
CA THR A 127 16.23 8.24 1.26
C THR A 127 16.24 8.96 2.63
N ARG A 128 16.48 8.22 3.74
CA ARG A 128 16.59 8.79 5.08
C ARG A 128 17.67 9.87 5.08
N PRO A 129 17.42 11.05 5.69
CA PRO A 129 18.48 12.07 5.81
C PRO A 129 19.72 11.51 6.50
N ARG A 130 20.88 11.87 5.95
CA ARG A 130 22.21 11.44 6.41
C ARG A 130 23.16 12.66 6.44
N PRO A 131 24.34 12.61 7.09
CA PRO A 131 25.23 13.79 7.09
C PRO A 131 25.60 14.25 5.67
N SER A 132 25.77 13.28 4.74
CA SER A 132 26.09 13.58 3.34
C SER A 132 24.90 14.13 2.53
N GLN A 133 23.69 14.16 3.12
CA GLN A 133 22.44 14.68 2.55
C GLN A 133 21.43 14.89 3.71
N PRO A 134 21.60 15.96 4.51
CA PRO A 134 20.73 16.15 5.69
C PRO A 134 19.31 16.61 5.42
N SER A 135 19.03 17.00 4.18
CA SER A 135 17.69 17.46 3.80
C SER A 135 17.13 16.65 2.62
N SER A 136 17.57 15.38 2.45
CA SER A 136 17.07 14.53 1.37
C SER A 136 15.53 14.35 1.42
N LEU A 137 14.96 14.43 2.63
CA LEU A 137 13.53 14.32 2.86
C LEU A 137 13.14 15.33 3.94
N ALA A 138 11.95 15.88 3.82
CA ALA A 138 11.41 16.81 4.78
C ALA A 138 10.00 16.35 5.18
N MET A 139 9.43 16.94 6.25
CA MET A 139 8.09 16.64 6.74
C MET A 139 7.05 16.80 5.60
N LEU A 140 7.22 17.79 4.69
CA LEU A 140 6.30 17.97 3.56
C LEU A 140 6.30 16.78 2.58
N ASP A 141 7.47 16.16 2.31
CA ASP A 141 7.54 14.98 1.44
C ASP A 141 6.72 13.84 2.01
N LEU A 142 6.82 13.63 3.34
CA LEU A 142 6.11 12.57 4.04
C LEU A 142 4.62 12.87 4.06
N LEU A 143 4.25 14.12 4.32
CA LEU A 143 2.83 14.50 4.30
C LEU A 143 2.20 14.32 2.91
N HIS A 144 2.96 14.61 1.84
CA HIS A 144 2.47 14.41 0.47
C HIS A 144 2.29 12.92 0.18
N VAL A 145 3.22 12.06 0.64
CA VAL A 145 3.04 10.60 0.46
C VAL A 145 1.76 10.16 1.22
N ALA A 146 1.61 10.60 2.50
CA ALA A 146 0.46 10.22 3.33
C ALA A 146 -0.86 10.64 2.66
N ARG A 147 -0.92 11.88 2.16
CA ARG A 147 -2.10 12.40 1.45
C ARG A 147 -2.41 11.54 0.23
N ASP A 148 -1.40 11.23 -0.59
CA ASP A 148 -1.55 10.45 -1.81
C ASP A 148 -2.17 9.07 -1.50
N ILE A 149 -1.65 8.33 -0.49
CA ILE A 149 -2.22 7.03 -0.16
C ILE A 149 -3.62 7.18 0.48
N ALA A 150 -3.82 8.23 1.31
CA ALA A 150 -5.15 8.46 1.89
C ALA A 150 -6.20 8.78 0.80
N CYS A 151 -5.78 9.40 -0.30
CA CYS A 151 -6.68 9.70 -1.42
C CYS A 151 -7.07 8.37 -2.13
N GLY A 152 -6.11 7.47 -2.28
CA GLY A 152 -6.35 6.12 -2.81
C GLY A 152 -7.29 5.34 -1.89
N CYS A 153 -7.04 5.43 -0.56
CA CYS A 153 -7.90 4.73 0.41
C CYS A 153 -9.32 5.27 0.40
N GLN A 154 -9.48 6.59 0.26
CA GLN A 154 -10.80 7.26 0.20
C GLN A 154 -11.58 6.76 -1.03
N TYR A 155 -10.88 6.60 -2.16
CA TYR A 155 -11.47 6.08 -3.38
C TYR A 155 -11.96 4.63 -3.14
N LEU A 156 -11.14 3.78 -2.49
CA LEU A 156 -11.55 2.40 -2.16
C LEU A 156 -12.77 2.40 -1.20
N GLU A 157 -12.72 3.27 -0.18
CA GLU A 157 -13.80 3.39 0.81
C GLU A 157 -15.12 3.75 0.15
N GLU A 158 -15.10 4.76 -0.71
CA GLU A 158 -16.31 5.23 -1.36
C GLU A 158 -16.87 4.21 -2.36
N ASN A 159 -16.00 3.32 -2.90
CA ASN A 159 -16.40 2.23 -3.76
C ASN A 159 -16.60 0.90 -3.02
N HIS A 160 -16.64 0.95 -1.66
CA HIS A 160 -16.90 -0.16 -0.77
C HIS A 160 -15.93 -1.33 -1.00
N PHE A 161 -14.64 -1.01 -1.24
CA PHE A 161 -13.60 -2.02 -1.40
C PHE A 161 -12.69 -1.94 -0.16
N ILE A 162 -12.48 -3.07 0.54
CA ILE A 162 -11.64 -3.09 1.71
C ILE A 162 -10.30 -3.68 1.35
N HIS A 163 -9.24 -2.88 1.47
CA HIS A 163 -7.90 -3.32 1.09
C HIS A 163 -7.36 -4.47 1.98
N ARG A 164 -7.41 -4.32 3.30
CA ARG A 164 -6.98 -5.37 4.26
C ARG A 164 -5.48 -5.45 4.49
N ASP A 165 -4.67 -4.73 3.70
CA ASP A 165 -3.23 -4.73 3.92
C ASP A 165 -2.57 -3.40 3.54
N ILE A 166 -3.12 -2.29 4.06
CA ILE A 166 -2.52 -0.96 3.80
C ILE A 166 -1.20 -0.91 4.58
N ALA A 167 -0.08 -0.94 3.86
CA ALA A 167 1.24 -1.02 4.47
C ALA A 167 2.27 -0.44 3.51
N ALA A 168 3.40 0.05 4.04
CA ALA A 168 4.41 0.69 3.19
C ALA A 168 4.94 -0.22 2.10
N ARG A 169 5.05 -1.51 2.39
CA ARG A 169 5.54 -2.51 1.41
C ARG A 169 4.63 -2.63 0.17
N ASN A 170 3.35 -2.24 0.31
CA ASN A 170 2.34 -2.31 -0.73
C ASN A 170 2.09 -1.00 -1.45
N CYS A 171 2.93 0.01 -1.24
CA CYS A 171 2.83 1.31 -1.89
C CYS A 171 4.03 1.52 -2.79
N LEU A 172 3.84 2.25 -3.89
CA LEU A 172 4.87 2.55 -4.88
C LEU A 172 4.99 4.05 -5.15
N LEU A 173 6.14 4.47 -5.69
CA LEU A 173 6.35 5.89 -6.01
C LEU A 173 6.67 6.07 -7.49
N THR A 174 6.10 7.09 -8.12
CA THR A 174 6.30 7.32 -9.56
C THR A 174 7.75 7.69 -9.87
N CYS A 175 8.44 8.39 -8.95
CA CYS A 175 9.83 8.80 -9.15
C CYS A 175 10.54 9.06 -7.80
N PRO A 176 11.88 9.07 -7.75
CA PRO A 176 12.57 9.35 -6.47
C PRO A 176 12.51 10.82 -6.02
N GLY A 177 12.29 11.75 -6.94
CA GLY A 177 12.31 13.19 -6.68
C GLY A 177 11.08 13.84 -6.07
N PRO A 178 11.15 15.18 -5.82
CA PRO A 178 10.05 15.89 -5.14
C PRO A 178 8.65 15.80 -5.76
N GLY A 179 8.59 15.61 -7.07
CA GLY A 179 7.30 15.48 -7.75
C GLY A 179 6.71 14.09 -7.64
N ARG A 180 7.32 13.19 -6.84
CA ARG A 180 6.80 11.83 -6.68
C ARG A 180 5.32 11.77 -6.30
N VAL A 181 4.64 10.76 -6.83
CA VAL A 181 3.25 10.50 -6.47
C VAL A 181 3.22 9.06 -5.91
N ALA A 182 2.65 8.90 -4.70
CA ALA A 182 2.53 7.61 -4.07
C ALA A 182 1.21 6.94 -4.49
N LYS A 183 1.25 5.63 -4.74
CA LYS A 183 0.06 4.87 -5.12
C LYS A 183 0.01 3.54 -4.43
N ILE A 184 -1.18 2.99 -4.23
CA ILE A 184 -1.31 1.64 -3.68
C ILE A 184 -0.99 0.71 -4.87
N GLY A 185 -0.03 -0.19 -4.71
CA GLY A 185 0.42 -1.02 -5.81
C GLY A 185 0.15 -2.50 -5.71
N ASP A 186 -0.29 -2.98 -4.55
CA ASP A 186 -0.55 -4.41 -4.36
C ASP A 186 -1.92 -4.65 -3.74
N PHE A 187 -2.63 -5.68 -4.25
CA PHE A 187 -3.96 -6.07 -3.77
C PHE A 187 -4.04 -7.59 -3.49
N GLY A 188 -2.93 -8.18 -3.05
CA GLY A 188 -2.81 -9.61 -2.77
C GLY A 188 -3.69 -10.16 -1.67
N MET A 189 -3.79 -9.42 -0.56
CA MET A 189 -4.61 -9.81 0.60
C MET A 189 -6.10 -9.77 0.28
N ALA A 190 -6.55 -8.69 -0.40
CA ALA A 190 -7.95 -8.54 -0.78
C ALA A 190 -8.36 -9.66 -1.74
N ARG A 191 -7.46 -10.01 -2.67
CA ARG A 191 -7.65 -11.05 -3.67
C ARG A 191 -7.89 -12.39 -2.96
N ASP A 192 -7.06 -12.70 -1.94
CA ASP A 192 -7.16 -13.93 -1.15
C ASP A 192 -8.55 -14.10 -0.54
N ILE A 193 -9.09 -13.02 0.06
CA ILE A 193 -10.41 -13.06 0.68
C ILE A 193 -11.56 -13.04 -0.32
N TYR A 194 -11.40 -12.36 -1.49
CA TYR A 194 -12.45 -12.35 -2.51
C TYR A 194 -12.66 -13.78 -3.05
N GLY A 202 -2.07 -20.00 3.04
CA GLY A 202 -2.93 -19.39 4.05
C GLY A 202 -2.63 -19.86 5.46
N GLY A 203 -2.29 -18.93 6.34
CA GLY A 203 -1.98 -19.22 7.73
C GLY A 203 -1.83 -17.99 8.61
N CYS A 204 -1.86 -18.21 9.95
CA CYS A 204 -1.76 -17.17 10.97
C CYS A 204 -0.48 -16.33 10.87
N ALA A 205 0.70 -16.98 10.87
CA ALA A 205 2.00 -16.29 10.80
C ALA A 205 2.24 -15.48 9.52
N MET A 206 1.30 -15.51 8.59
CA MET A 206 1.35 -14.77 7.34
C MET A 206 0.39 -13.56 7.35
N LEU A 207 -0.62 -13.54 8.24
CA LEU A 207 -1.53 -12.40 8.33
C LEU A 207 -0.76 -11.19 8.84
N PRO A 208 -1.00 -10.01 8.28
CA PRO A 208 -0.24 -8.83 8.70
C PRO A 208 -0.80 -8.28 10.01
N VAL A 209 -0.63 -9.01 11.12
CA VAL A 209 -1.19 -8.66 12.43
C VAL A 209 -0.74 -7.27 12.92
N LYS A 210 0.47 -6.82 12.58
CA LYS A 210 0.92 -5.49 12.99
C LYS A 210 0.19 -4.34 12.30
N TRP A 211 -0.57 -4.62 11.24
CA TRP A 211 -1.36 -3.60 10.53
C TRP A 211 -2.88 -3.79 10.75
N MET A 212 -3.28 -4.74 11.61
CA MET A 212 -4.69 -5.05 11.80
C MET A 212 -5.32 -4.55 13.09
N PRO A 213 -6.56 -4.04 13.00
CA PRO A 213 -7.28 -3.64 14.22
C PRO A 213 -7.76 -4.87 15.00
N PRO A 214 -8.11 -4.69 16.29
CA PRO A 214 -8.54 -5.84 17.10
C PRO A 214 -9.69 -6.65 16.55
N GLU A 215 -10.76 -6.04 16.04
CA GLU A 215 -11.88 -6.83 15.51
C GLU A 215 -11.49 -7.66 14.26
N ALA A 216 -10.43 -7.24 13.54
CA ALA A 216 -9.97 -7.99 12.37
C ALA A 216 -9.19 -9.25 12.80
N PHE A 217 -8.17 -9.13 13.66
CA PHE A 217 -7.41 -10.34 14.07
C PHE A 217 -8.20 -11.23 15.05
N MET A 218 -9.16 -10.65 15.80
CA MET A 218 -9.95 -11.46 16.75
C MET A 218 -11.21 -12.09 16.16
N GLU A 219 -12.01 -11.32 15.40
CA GLU A 219 -13.27 -11.83 14.88
C GLU A 219 -13.31 -12.05 13.38
N GLY A 220 -12.26 -11.65 12.67
CA GLY A 220 -12.26 -11.74 11.22
C GLY A 220 -13.26 -10.74 10.63
N ILE A 221 -13.56 -9.65 11.35
CA ILE A 221 -14.47 -8.63 10.85
C ILE A 221 -13.68 -7.57 10.13
N PHE A 222 -14.03 -7.34 8.89
CA PHE A 222 -13.41 -6.35 8.05
C PHE A 222 -14.51 -5.42 7.53
N THR A 223 -14.31 -4.12 7.73
CA THR A 223 -15.18 -3.03 7.26
C THR A 223 -14.24 -1.93 6.70
N SER A 224 -14.77 -0.79 6.23
CA SER A 224 -13.94 0.33 5.81
C SER A 224 -13.04 0.84 6.96
N LYS A 225 -13.52 0.68 8.23
CA LYS A 225 -12.73 1.09 9.38
C LYS A 225 -11.52 0.20 9.66
N THR A 226 -11.38 -0.94 8.93
CA THR A 226 -10.18 -1.78 9.03
C THR A 226 -9.04 -1.01 8.36
N ASP A 227 -9.28 -0.42 7.17
CA ASP A 227 -8.28 0.33 6.43
C ASP A 227 -7.87 1.59 7.16
N THR A 228 -8.78 2.19 7.95
CA THR A 228 -8.40 3.36 8.75
C THR A 228 -7.32 3.00 9.76
N TRP A 229 -7.50 1.87 10.49
CA TRP A 229 -6.50 1.42 11.47
C TRP A 229 -5.16 1.18 10.77
N SER A 230 -5.16 0.41 9.66
CA SER A 230 -3.96 0.11 8.92
C SER A 230 -3.27 1.35 8.39
N PHE A 231 -4.04 2.35 7.97
CA PHE A 231 -3.51 3.62 7.49
C PHE A 231 -2.72 4.32 8.61
N GLY A 232 -3.23 4.26 9.84
CA GLY A 232 -2.50 4.80 10.99
C GLY A 232 -1.14 4.15 11.17
N VAL A 233 -1.07 2.83 10.96
CA VAL A 233 0.19 2.09 11.04
C VAL A 233 1.10 2.50 9.88
N LEU A 234 0.55 2.63 8.64
CA LEU A 234 1.34 3.13 7.51
C LEU A 234 1.90 4.55 7.83
N LEU A 235 1.09 5.42 8.45
CA LEU A 235 1.53 6.77 8.82
C LEU A 235 2.75 6.70 9.74
N TRP A 236 2.76 5.72 10.67
CA TRP A 236 3.88 5.50 11.58
C TRP A 236 5.08 5.07 10.77
N GLU A 237 4.89 4.09 9.85
CA GLU A 237 5.97 3.66 8.96
C GLU A 237 6.60 4.81 8.19
N ILE A 238 5.78 5.70 7.63
CA ILE A 238 6.22 6.87 6.89
C ILE A 238 7.02 7.83 7.78
N PHE A 239 6.45 8.26 8.91
CA PHE A 239 7.10 9.24 9.79
C PHE A 239 8.30 8.67 10.56
N SER A 240 8.37 7.33 10.70
CA SER A 240 9.55 6.69 11.27
C SER A 240 10.64 6.50 10.19
N LEU A 241 10.37 6.84 8.92
CA LEU A 241 11.28 6.65 7.80
C LEU A 241 11.58 5.17 7.54
N GLY A 242 10.54 4.34 7.54
CA GLY A 242 10.70 2.94 7.14
C GLY A 242 11.02 1.88 8.18
N TYR A 243 10.82 2.18 9.46
CA TYR A 243 10.99 1.18 10.51
C TYR A 243 9.83 0.19 10.48
N MET A 244 10.11 -1.01 10.98
CA MET A 244 9.12 -2.06 11.17
C MET A 244 8.26 -1.65 12.36
N PRO A 245 6.92 -1.65 12.23
CA PRO A 245 6.06 -1.28 13.38
C PRO A 245 6.25 -2.14 14.64
N TYR A 246 5.97 -1.55 15.80
CA TYR A 246 6.08 -2.19 17.12
C TYR A 246 7.48 -2.75 17.32
N PRO A 247 8.49 -1.85 17.35
CA PRO A 247 9.90 -2.31 17.45
C PRO A 247 10.14 -3.31 18.57
N SER A 248 10.76 -4.44 18.20
CA SER A 248 11.17 -5.57 19.05
C SER A 248 10.04 -6.52 19.44
N LYS A 249 8.78 -6.19 19.09
CA LYS A 249 7.67 -7.06 19.42
C LYS A 249 7.39 -8.06 18.32
N SER A 250 7.08 -9.28 18.71
CA SER A 250 6.67 -10.30 17.78
C SER A 250 5.15 -10.12 17.49
N ASN A 251 4.60 -10.89 16.53
CA ASN A 251 3.18 -10.86 16.21
C ASN A 251 2.28 -11.14 17.42
N GLN A 252 2.61 -12.16 18.24
CA GLN A 252 1.75 -12.46 19.41
C GLN A 252 1.84 -11.36 20.46
N GLU A 253 3.01 -10.77 20.62
CA GLU A 253 3.21 -9.67 21.55
C GLU A 253 2.41 -8.45 21.10
N VAL A 254 2.38 -8.19 19.78
CA VAL A 254 1.61 -7.07 19.23
C VAL A 254 0.14 -7.33 19.45
N LEU A 255 -0.32 -8.54 19.18
CA LEU A 255 -1.72 -8.90 19.37
C LEU A 255 -2.14 -8.64 20.83
N GLU A 256 -1.30 -9.08 21.80
CA GLU A 256 -1.60 -8.90 23.23
C GLU A 256 -1.52 -7.44 23.63
N PHE A 257 -0.52 -6.73 23.10
CA PHE A 257 -0.33 -5.30 23.37
C PHE A 257 -1.53 -4.47 22.89
N VAL A 258 -1.90 -4.60 21.61
CA VAL A 258 -2.99 -3.82 20.99
C VAL A 258 -4.33 -4.18 21.61
N THR A 259 -4.60 -5.49 21.90
CA THR A 259 -5.85 -5.93 22.54
C THR A 259 -5.99 -5.29 23.94
N SER A 260 -4.88 -5.07 24.65
CA SER A 260 -4.84 -4.44 25.98
C SER A 260 -4.86 -2.91 25.96
N GLY A 261 -4.98 -2.29 24.80
CA GLY A 261 -5.01 -0.84 24.68
C GLY A 261 -3.66 -0.19 24.40
N GLY A 262 -2.64 -1.00 24.19
CA GLY A 262 -1.30 -0.51 23.88
C GLY A 262 -1.19 0.10 22.49
N ARG A 263 -0.52 1.24 22.38
CA ARG A 263 -0.33 1.89 21.08
C ARG A 263 1.14 2.29 20.90
N MET A 264 1.59 2.39 19.64
CA MET A 264 2.96 2.82 19.38
C MET A 264 3.18 4.26 19.86
N ASP A 265 4.41 4.51 20.31
CA ASP A 265 4.94 5.82 20.66
C ASP A 265 5.11 6.59 19.33
N PRO A 266 5.20 7.92 19.39
CA PRO A 266 5.48 8.67 18.17
C PRO A 266 6.82 8.30 17.56
N PRO A 267 6.93 8.28 16.23
CA PRO A 267 8.27 8.13 15.62
C PRO A 267 9.17 9.30 16.04
N LYS A 268 10.49 9.11 15.93
CA LYS A 268 11.45 10.16 16.28
C LYS A 268 11.19 11.47 15.54
N ASN A 269 11.04 12.57 16.32
CA ASN A 269 10.78 13.93 15.87
C ASN A 269 9.40 14.14 15.25
N CYS A 270 8.48 13.16 15.39
CA CYS A 270 7.15 13.29 14.81
C CYS A 270 6.39 14.44 15.45
N PRO A 271 5.91 15.38 14.63
CA PRO A 271 5.11 16.48 15.19
C PRO A 271 3.82 15.94 15.83
N GLY A 272 3.39 16.53 16.94
CA GLY A 272 2.18 16.15 17.66
C GLY A 272 0.91 16.05 16.83
N PRO A 273 0.64 17.02 15.91
CA PRO A 273 -0.58 16.92 15.08
C PRO A 273 -0.59 15.66 14.16
N VAL A 274 0.59 15.19 13.75
CA VAL A 274 0.70 14.00 12.90
C VAL A 274 0.50 12.75 13.75
N TYR A 275 1.13 12.70 14.93
CA TYR A 275 0.94 11.60 15.86
C TYR A 275 -0.54 11.48 16.27
N ARG A 276 -1.24 12.62 16.40
CA ARG A 276 -2.67 12.67 16.74
C ARG A 276 -3.55 11.97 15.69
N ILE A 277 -3.16 12.03 14.41
CA ILE A 277 -3.88 11.34 13.35
C ILE A 277 -3.72 9.83 13.57
N MET A 278 -2.47 9.38 13.84
CA MET A 278 -2.22 7.98 14.12
C MET A 278 -3.08 7.47 15.31
N THR A 279 -3.10 8.20 16.44
CA THR A 279 -3.86 7.76 17.61
C THR A 279 -5.37 7.76 17.36
N GLN A 280 -5.87 8.65 16.47
CA GLN A 280 -7.29 8.65 16.10
C GLN A 280 -7.62 7.41 15.20
N CYS A 281 -6.68 7.05 14.29
CA CYS A 281 -6.81 5.85 13.44
C CYS A 281 -6.81 4.57 14.32
N TRP A 282 -6.10 4.60 15.47
CA TRP A 282 -6.01 3.45 16.35
C TRP A 282 -7.06 3.41 17.48
N GLN A 283 -8.24 4.03 17.29
CA GLN A 283 -9.28 3.98 18.34
C GLN A 283 -9.79 2.54 18.38
N HIS A 284 -10.03 2.00 19.59
CA HIS A 284 -10.47 0.61 19.75
C HIS A 284 -11.77 0.34 19.04
N GLN A 285 -12.73 1.26 19.19
CA GLN A 285 -14.02 1.10 18.53
C GLN A 285 -13.91 1.60 17.08
N PRO A 286 -14.33 0.77 16.11
CA PRO A 286 -14.27 1.19 14.70
C PRO A 286 -15.05 2.48 14.43
N GLU A 287 -16.20 2.67 15.10
CA GLU A 287 -17.02 3.86 14.97
C GLU A 287 -16.33 5.14 15.48
N ASP A 288 -15.33 5.03 16.36
CA ASP A 288 -14.57 6.19 16.83
C ASP A 288 -13.38 6.54 15.89
N ARG A 289 -13.06 5.68 14.89
CA ARG A 289 -11.97 5.98 13.96
C ARG A 289 -12.48 6.93 12.85
N PRO A 290 -11.63 7.84 12.35
CA PRO A 290 -12.11 8.73 11.28
C PRO A 290 -12.23 8.01 9.94
N ASN A 291 -13.13 8.47 9.08
CA ASN A 291 -13.19 7.95 7.71
C ASN A 291 -12.01 8.63 6.93
N PHE A 292 -11.80 8.27 5.67
CA PHE A 292 -10.69 8.85 4.93
C PHE A 292 -10.90 10.35 4.60
N ALA A 293 -12.15 10.84 4.51
CA ALA A 293 -12.38 12.26 4.24
C ALA A 293 -11.85 13.10 5.38
N ILE A 294 -12.04 12.64 6.62
CA ILE A 294 -11.57 13.33 7.82
C ILE A 294 -10.04 13.20 7.91
N ILE A 295 -9.48 12.03 7.60
CA ILE A 295 -8.02 11.84 7.60
C ILE A 295 -7.35 12.82 6.63
N LEU A 296 -7.92 12.97 5.41
CA LEU A 296 -7.37 13.90 4.43
C LEU A 296 -7.45 15.34 4.91
N GLU A 297 -8.53 15.70 5.60
CA GLU A 297 -8.66 17.07 6.15
C GLU A 297 -7.54 17.32 7.17
N ARG A 298 -7.28 16.34 8.03
CA ARG A 298 -6.25 16.46 9.05
C ARG A 298 -4.85 16.47 8.44
N ILE A 299 -4.60 15.66 7.37
CA ILE A 299 -3.29 15.70 6.73
C ILE A 299 -3.09 17.07 6.07
N GLU A 300 -4.16 17.62 5.46
CA GLU A 300 -4.09 18.94 4.84
C GLU A 300 -3.80 20.01 5.88
N TYR A 301 -4.43 19.93 7.06
CA TYR A 301 -4.14 20.89 8.13
C TYR A 301 -2.66 20.82 8.58
N CYS A 302 -2.10 19.60 8.68
CA CYS A 302 -0.67 19.39 9.04
C CYS A 302 0.24 20.02 8.00
N THR A 303 -0.11 19.87 6.73
CA THR A 303 0.63 20.41 5.59
C THR A 303 0.69 21.93 5.65
N GLN A 304 -0.38 22.58 6.15
CA GLN A 304 -0.45 24.03 6.25
C GLN A 304 0.24 24.59 7.50
N ASP A 305 0.33 23.81 8.56
CA ASP A 305 0.88 24.21 9.85
C ASP A 305 2.41 24.34 9.79
N PRO A 306 2.94 25.58 9.91
CA PRO A 306 4.41 25.76 9.90
C PRO A 306 5.10 25.02 11.04
N ASP A 307 4.46 24.90 12.20
CA ASP A 307 5.07 24.15 13.33
C ASP A 307 5.28 22.65 12.98
N VAL A 308 4.52 22.13 12.01
CA VAL A 308 4.67 20.75 11.55
C VAL A 308 5.77 20.65 10.50
N ILE A 309 5.60 21.35 9.35
CA ILE A 309 6.50 21.21 8.20
C ILE A 309 7.89 21.80 8.42
N ASN A 310 8.04 22.72 9.39
CA ASN A 310 9.35 23.25 9.74
C ASN A 310 10.13 22.30 10.68
N THR A 311 9.55 21.15 11.09
CA THR A 311 10.26 20.23 11.97
C THR A 311 11.23 19.42 11.16
N ALA A 312 12.53 19.41 11.57
CA ALA A 312 13.51 18.63 10.85
C ALA A 312 13.39 17.16 11.20
N LEU A 313 13.54 16.31 10.18
CA LEU A 313 13.57 14.88 10.37
C LEU A 313 14.91 14.52 10.99
N PRO A 314 14.98 13.41 11.75
CA PRO A 314 16.28 13.01 12.31
C PRO A 314 17.28 12.62 11.23
N ILE A 315 18.57 12.84 11.51
CA ILE A 315 19.63 12.54 10.57
C ILE A 315 20.34 11.29 11.07
N GLU A 316 20.36 10.25 10.26
CA GLU A 316 20.96 8.98 10.63
C GLU A 316 22.46 9.06 10.38
N TYR A 317 23.26 8.91 11.44
CA TYR A 317 24.71 8.96 11.29
C TYR A 317 25.24 7.68 10.64
#